data_5V1L
#
_entry.id   5V1L
#
_cell.length_a   34.951
_cell.length_b   46.239
_cell.length_c   82.928
_cell.angle_alpha   90.00
_cell.angle_beta   100.09
_cell.angle_gamma   90.00
#
_symmetry.space_group_name_H-M   'C 1 2 1'
#
loop_
_entity.id
_entity.type
_entity.pdbx_description
1 polymer "RNA (5'-R(*CP*GP*CP*GP*AP*AP*UP*(ZTH)P*AP*GP*CP*G)-3')"
2 non-polymer 'STRONTIUM ION'
3 non-polymer SPERMINE
4 water water
#
_entity_poly.entity_id   1
_entity_poly.type   'polyribonucleotide'
_entity_poly.pdbx_seq_one_letter_code
;CGCGAAU(ZTH)AGCG
;
_entity_poly.pdbx_strand_id   A,B,C,D
#
loop_
_chem_comp.id
_chem_comp.type
_chem_comp.name
_chem_comp.formula
A RNA linking ADENOSINE-5'-MONOPHOSPHATE 'C10 H14 N5 O7 P'
C RNA linking CYTIDINE-5'-MONOPHOSPHATE 'C9 H14 N3 O8 P'
G RNA linking GUANOSINE-5'-MONOPHOSPHATE 'C10 H14 N5 O8 P'
SPM non-polymer SPERMINE 'C10 H26 N4'
SR non-polymer 'STRONTIUM ION' 'Sr 2'
U RNA linking URIDINE-5'-MONOPHOSPHATE 'C9 H13 N2 O9 P'
ZTH non-polymer (S)-1'-(2',3'-DIHYDROXYPROPYL)-THYMINE 'C8 H13 N2 O7 P'
#
# COMPACT_ATOMS: atom_id res chain seq x y z
O4 ZTH A 8 -3.78 -4.01 2.07
C4 ZTH A 8 -3.53 -2.83 1.86
N3 ZTH A 8 -2.23 -2.42 2.20
C2 ZTH A 8 -1.75 -1.13 2.05
O2 ZTH A 8 -0.59 -0.91 2.38
C5 ZTH A 8 -4.43 -1.90 1.32
C5M ZTH A 8 -5.75 -2.28 0.98
C6 ZTH A 8 -3.94 -0.62 1.17
N1 ZTH A 8 -2.63 -0.25 1.54
C1G ZTH A 8 -2.23 1.13 1.32
C2G ZTH A 8 -2.26 1.97 2.59
C2G ZTH A 8 -1.89 1.93 2.54
O2G ZTH A 8 -3.62 2.15 3.02
O2G ZTH A 8 -3.18 2.20 3.15
C3G ZTH A 8 -1.64 3.35 2.31
C3G ZTH A 8 -1.28 3.22 1.94
O3G ZTH A 8 -0.37 3.38 2.97
O3G ZTH A 8 -1.15 3.97 3.16
P ZTH A 8 0.67 4.59 2.80
P ZTH A 8 0.24 4.73 3.33
O1P ZTH A 8 1.54 4.70 3.99
O1P ZTH A 8 0.20 5.50 4.59
O2P ZTH A 8 -0.03 5.85 2.40
O2P ZTH A 8 0.58 5.47 2.09
O4 ZTH B 8 8.31 -0.41 -6.27
C4 ZTH B 8 7.69 -1.49 -6.31
N3 ZTH B 8 7.82 -2.34 -5.21
C2 ZTH B 8 7.21 -3.57 -5.10
O2 ZTH B 8 7.41 -4.20 -4.06
C5 ZTH B 8 6.90 -1.91 -7.38
C5M ZTH B 8 6.76 -1.08 -8.49
C6 ZTH B 8 6.29 -3.16 -7.25
N1 ZTH B 8 6.44 -3.98 -6.12
C1G ZTH B 8 5.75 -5.29 -6.07
C2G ZTH B 8 6.71 -6.38 -6.63
O2G ZTH B 8 6.54 -6.26 -8.05
C3G ZTH B 8 6.19 -7.77 -6.22
O3G ZTH B 8 4.82 -7.83 -6.37
P ZTH B 8 3.94 -9.18 -6.30
O1P ZTH B 8 4.76 -10.08 -5.49
O2P ZTH B 8 3.54 -9.57 -7.67
O4 ZTH C 8 -7.45 -8.11 0.34
C4 ZTH C 8 -6.46 -7.51 -0.06
N3 ZTH C 8 -6.65 -6.46 -0.95
C2 ZTH C 8 -5.55 -5.72 -1.44
O2 ZTH C 8 -5.84 -4.81 -2.23
C5 ZTH C 8 -5.15 -7.84 0.34
C5M ZTH C 8 -4.87 -8.90 1.23
C6 ZTH C 8 -4.10 -7.11 -0.16
N1 ZTH C 8 -4.33 -6.06 -1.05
C1G ZTH C 8 -3.15 -5.34 -1.54
C2G ZTH C 8 -2.55 -6.01 -2.77
O2G ZTH C 8 -2.17 -7.30 -2.26
C3G ZTH C 8 -1.22 -5.39 -3.16
O3G ZTH C 8 -1.47 -4.03 -3.50
P ZTH C 8 -0.39 -3.21 -4.34
O1P ZTH C 8 0.97 -3.75 -4.09
O2P ZTH C 8 -0.88 -3.06 -5.74
O4 ZTH D 8 -4.39 7.07 0.02
O4 ZTH D 8 -4.58 7.10 0.32
C4 ZTH D 8 -4.97 6.51 0.95
C4 ZTH D 8 -5.38 6.57 1.09
N3 ZTH D 8 -6.28 6.11 0.62
N3 ZTH D 8 -6.58 6.14 0.53
C2 ZTH D 8 -7.14 5.47 1.50
C2 ZTH D 8 -7.57 5.54 1.30
O2 ZTH D 8 -8.26 5.18 1.05
O2 ZTH D 8 -8.64 5.15 0.78
C5 ZTH D 8 -4.55 6.22 2.24
C5 ZTH D 8 -5.15 6.40 2.46
C5M ZTH D 8 -3.25 6.57 2.68
C5M ZTH D 8 -3.97 6.82 3.08
C6 ZTH D 8 -5.42 5.57 3.12
C6 ZTH D 8 -6.16 5.79 3.21
N1 ZTH D 8 -6.72 5.19 2.73
N1 ZTH D 8 -7.35 5.37 2.61
C1G ZTH D 8 -7.61 4.50 3.71
C1G ZTH D 8 -8.43 4.71 3.39
C2G ZTH D 8 -8.48 5.56 4.38
C2G ZTH D 8 -9.49 5.83 3.57
O2G ZTH D 8 -7.77 6.09 5.45
O2G ZTH D 8 -9.08 6.60 4.69
C3G ZTH D 8 -9.92 5.17 4.53
C3G ZTH D 8 -10.84 5.15 3.84
O3G ZTH D 8 -10.00 3.97 5.22
O3G ZTH D 8 -10.49 4.16 4.81
P ZTH D 8 -11.23 3.27 5.98
P ZTH D 8 -11.61 3.23 5.49
O1P ZTH D 8 -11.14 3.46 7.44
O1P ZTH D 8 -11.82 3.69 6.89
O2P ZTH D 8 -12.48 3.56 5.21
O2P ZTH D 8 -12.79 3.18 4.59
SR SR E . 11.69 -11.28 2.57
SR SR F . 7.26 2.92 7.92
SR SR G . 8.31 2.38 7.11
N1 SPM H . 21.11 -0.40 -2.18
C2 SPM H . 21.90 -0.20 -2.83
C3 SPM H . 23.08 -0.44 -3.72
C4 SPM H . 23.75 -1.75 -3.30
N5 SPM H . 22.87 -2.95 -3.60
C6 SPM H . 21.42 -2.61 -3.53
C7 SPM H . 20.61 -3.14 -2.42
C8 SPM H . 20.74 -2.73 -0.97
C9 SPM H . 19.97 -3.66 -0.12
N10 SPM H . 20.04 -3.96 1.29
C11 SPM H . 21.40 -4.09 1.87
C12 SPM H . 22.62 -3.39 1.38
C13 SPM H . 23.81 -4.22 1.84
N14 SPM H . 24.70 -4.67 2.53
SR SR I . -18.35 4.04 -2.50
SR SR J . -17.04 4.15 -0.47
SR SR K . -21.62 12.63 -6.23
SR SR L . -3.78 -9.14 -8.91
SR SR M . -7.71 -1.05 -12.58
#